data_9QD7
#
_entry.id   9QD7
#
_cell.length_a   48.845
_cell.length_b   48.845
_cell.length_c   194.586
_cell.angle_alpha   90
_cell.angle_beta   90
_cell.angle_gamma   120
#
_symmetry.space_group_name_H-M   'P 32 2 1'
#
loop_
_entity.id
_entity.type
_entity.pdbx_description
1 polymer 'Peptidyl-prolyl cis-trans isomerase FKBP5'
2 non-polymer (2~{S},9~{S})-2-cyclohexyl-19,22-dimethoxy-11,14,17-trioxa-4-azatricyclo[16.2.2.0^{4,9}]docosa-1(21),18(22),19-triene-3,10-dione
#
_entity_poly.entity_id   1
_entity_poly.type   'polypeptide(L)'
_entity_poly.pdbx_seq_one_letter_code
;GAPATVTEQGEDITSKKDRGVLKIVKRVGNGEETPMIGDKVYVHYKGKLSNGKKFDSSHDRNEPFVFSLGKGQVIKAWDI
GVATMKKGEIAHLLIKPEYAYGSAGSLPKIPSNATLFFEIELLDFKGE
;
_entity_poly.pdbx_strand_id   A,B
#
loop_
_chem_comp.id
_chem_comp.type
_chem_comp.name
_chem_comp.formula
A1I5X non-polymer (2~{S},9~{S})-2-cyclohexyl-19,22-dimethoxy-11,14,17-trioxa-4-azatricyclo[16.2.2.0^{4,9}]docosa-1(21),18(22),19-triene-3,10-dione 'C26 H37 N O7'
#
# COMPACT_ATOMS: atom_id res chain seq x y z
N GLY A 1 -31.57 -6.95 -1.25
CA GLY A 1 -30.65 -6.57 -0.15
C GLY A 1 -29.78 -5.34 -0.47
N ALA A 2 -29.11 -4.82 0.55
CA ALA A 2 -28.40 -3.56 0.41
C ALA A 2 -27.46 -3.63 -0.79
N PRO A 3 -26.66 -4.73 -0.87
CA PRO A 3 -25.82 -5.03 -2.02
C PRO A 3 -26.52 -4.91 -3.36
N ALA A 4 -27.68 -5.53 -3.49
CA ALA A 4 -28.42 -5.58 -4.75
C ALA A 4 -28.82 -4.19 -5.18
N THR A 5 -29.40 -3.38 -4.27
CA THR A 5 -29.74 -1.98 -4.58
C THR A 5 -28.51 -1.27 -5.21
N VAL A 6 -27.30 -1.53 -4.73
CA VAL A 6 -26.12 -0.84 -5.26
C VAL A 6 -25.87 -1.27 -6.71
N THR A 7 -25.88 -2.60 -6.95
CA THR A 7 -25.54 -3.18 -8.24
C THR A 7 -26.69 -2.99 -9.22
N GLU A 8 -27.77 -2.25 -8.87
CA GLU A 8 -28.85 -1.94 -9.78
C GLU A 8 -28.88 -0.41 -9.98
N GLN A 9 -28.91 0.35 -8.87
CA GLN A 9 -29.12 1.79 -8.92
C GLN A 9 -27.85 2.57 -8.54
N GLY A 10 -26.69 1.92 -8.43
CA GLY A 10 -25.56 2.54 -7.74
C GLY A 10 -24.67 3.37 -8.66
N GLU A 11 -24.14 4.49 -8.14
CA GLU A 11 -23.37 5.40 -8.98
C GLU A 11 -21.98 4.82 -9.29
N ASP A 12 -21.56 4.81 -10.57
CA ASP A 12 -20.22 4.32 -10.90
C ASP A 12 -19.19 5.41 -10.69
N ILE A 13 -18.36 5.28 -9.64
CA ILE A 13 -17.44 6.35 -9.27
C ILE A 13 -16.03 6.04 -9.74
N THR A 14 -15.78 5.02 -10.56
CA THR A 14 -14.46 4.84 -11.15
C THR A 14 -14.24 5.81 -12.32
N SER A 15 -12.97 6.07 -12.60
CA SER A 15 -12.54 6.97 -13.66
C SER A 15 -12.70 6.30 -15.02
N LYS A 16 -12.42 5.00 -15.01
CA LYS A 16 -12.48 4.12 -16.17
C LYS A 16 -13.92 3.73 -16.51
N LYS A 17 -14.88 3.98 -15.62
CA LYS A 17 -16.27 3.57 -15.81
C LYS A 17 -16.38 2.07 -16.06
N ASP A 18 -15.70 1.26 -15.23
CA ASP A 18 -15.74 -0.18 -15.37
C ASP A 18 -16.64 -0.77 -14.28
N ARG A 19 -17.47 0.11 -13.70
CA ARG A 19 -18.40 -0.29 -12.66
C ARG A 19 -17.74 -1.00 -11.48
N GLY A 20 -16.44 -0.79 -11.23
CA GLY A 20 -15.70 -1.57 -10.21
C GLY A 20 -15.92 -1.12 -8.76
N VAL A 21 -16.43 0.10 -8.63
CA VAL A 21 -16.77 0.71 -7.35
C VAL A 21 -18.09 1.43 -7.60
N LEU A 22 -19.15 0.91 -7.03
CA LEU A 22 -20.52 1.47 -7.09
C LEU A 22 -20.90 2.01 -5.73
N LYS A 23 -21.54 3.18 -5.73
CA LYS A 23 -21.84 3.92 -4.51
C LYS A 23 -23.27 4.44 -4.44
N ILE A 24 -23.94 4.24 -3.30
CA ILE A 24 -25.15 4.97 -2.94
C ILE A 24 -24.91 5.68 -1.62
N VAL A 25 -25.30 6.95 -1.61
CA VAL A 25 -25.42 7.76 -0.41
C VAL A 25 -26.69 7.34 0.30
N LYS A 26 -26.56 7.02 1.59
CA LYS A 26 -27.70 6.59 2.40
C LYS A 26 -28.08 7.76 3.32
N ARG A 27 -27.11 8.44 3.97
CA ARG A 27 -27.36 9.68 4.70
C ARG A 27 -26.37 10.76 4.28
N VAL A 28 -26.88 11.97 3.95
CA VAL A 28 -26.07 13.07 3.41
C VAL A 28 -25.29 13.74 4.55
N GLY A 29 -24.07 14.23 4.24
CA GLY A 29 -23.25 15.01 5.16
C GLY A 29 -23.47 16.53 5.05
N ASN A 30 -22.57 17.28 5.73
CA ASN A 30 -22.65 18.73 5.84
C ASN A 30 -21.36 19.38 5.31
N GLY A 31 -21.48 20.52 4.62
CA GLY A 31 -20.34 21.18 4.00
C GLY A 31 -20.27 20.84 2.52
N GLU A 32 -19.48 21.58 1.75
CA GLU A 32 -19.19 21.25 0.36
C GLU A 32 -17.95 20.33 0.29
N GLU A 33 -17.04 20.51 1.26
CA GLU A 33 -15.69 20.00 1.23
C GLU A 33 -15.66 18.50 1.51
N THR A 34 -15.04 17.75 0.59
CA THR A 34 -14.69 16.35 0.79
C THR A 34 -13.18 16.23 0.84
N PRO A 35 -12.58 15.17 1.43
CA PRO A 35 -11.17 15.20 1.78
C PRO A 35 -10.20 14.97 0.63
N MET A 36 -8.98 15.46 0.84
CA MET A 36 -7.94 15.53 -0.17
C MET A 36 -6.96 14.41 0.13
N ILE A 37 -6.28 13.95 -0.91
CA ILE A 37 -5.23 12.94 -0.71
C ILE A 37 -4.36 13.43 0.44
N GLY A 38 -3.98 12.55 1.37
CA GLY A 38 -3.08 12.90 2.47
C GLY A 38 -3.81 13.27 3.78
N ASP A 39 -5.10 13.63 3.74
CA ASP A 39 -5.84 13.89 4.96
C ASP A 39 -5.84 12.64 5.84
N LYS A 40 -5.84 12.86 7.18
CA LYS A 40 -6.16 11.87 8.19
C LYS A 40 -7.69 11.77 8.22
N VAL A 41 -8.22 10.57 7.97
CA VAL A 41 -9.65 10.34 7.91
C VAL A 41 -10.12 9.43 9.06
N TYR A 42 -11.29 9.76 9.64
CA TYR A 42 -11.90 9.00 10.74
C TYR A 42 -13.28 8.50 10.33
N VAL A 43 -13.48 7.18 10.31
CA VAL A 43 -14.75 6.59 9.88
C VAL A 43 -15.23 5.48 10.83
N HIS A 44 -16.55 5.24 10.79
CA HIS A 44 -17.15 3.97 11.21
C HIS A 44 -17.63 3.23 9.96
N TYR A 45 -17.41 1.92 9.94
CA TYR A 45 -17.79 1.10 8.79
C TYR A 45 -18.27 -0.27 9.25
N LYS A 46 -19.06 -0.92 8.39
CA LYS A 46 -19.21 -2.36 8.48
C LYS A 46 -19.04 -2.88 7.07
N GLY A 47 -18.74 -4.17 7.03
CA GLY A 47 -18.24 -4.79 5.82
C GLY A 47 -18.49 -6.29 5.80
N LYS A 48 -18.57 -6.83 4.57
CA LYS A 48 -18.86 -8.23 4.33
C LYS A 48 -18.29 -8.56 2.96
N LEU A 49 -18.06 -9.85 2.75
CA LEU A 49 -17.76 -10.50 1.49
C LEU A 49 -19.07 -10.90 0.81
N SER A 50 -19.13 -10.90 -0.53
CA SER A 50 -20.39 -11.26 -1.23
C SER A 50 -20.86 -12.67 -0.88
N ASN A 51 -19.89 -13.58 -0.76
CA ASN A 51 -19.96 -14.95 -0.22
C ASN A 51 -20.83 -15.06 1.04
N GLY A 52 -21.03 -13.97 1.80
CA GLY A 52 -21.82 -14.02 3.04
C GLY A 52 -21.12 -14.74 4.21
N LYS A 53 -19.84 -15.06 4.06
CA LYS A 53 -19.15 -16.02 4.91
C LYS A 53 -18.30 -15.29 5.95
N LYS A 54 -17.94 -14.01 5.69
CA LYS A 54 -17.18 -13.19 6.63
C LYS A 54 -17.71 -11.76 6.68
N PHE A 55 -17.76 -11.22 7.90
CA PHE A 55 -18.30 -9.92 8.24
C PHE A 55 -17.27 -9.18 9.12
N ASP A 56 -17.24 -7.85 9.08
CA ASP A 56 -16.29 -7.10 9.88
C ASP A 56 -16.80 -5.68 10.17
N SER A 57 -16.43 -5.13 11.33
CA SER A 57 -16.89 -3.80 11.70
C SER A 57 -15.93 -3.16 12.69
N SER A 58 -15.74 -1.86 12.52
CA SER A 58 -15.02 -1.02 13.46
C SER A 58 -15.61 -1.17 14.87
N PRO A 64 -13.40 3.05 15.96
CA PRO A 64 -13.03 4.39 15.38
C PRO A 64 -11.82 4.25 14.46
N PHE A 65 -12.10 3.94 13.17
CA PHE A 65 -11.12 3.52 12.18
C PHE A 65 -10.52 4.72 11.46
N VAL A 66 -9.19 4.72 11.39
CA VAL A 66 -8.38 5.88 11.02
C VAL A 66 -7.42 5.45 9.93
N PHE A 67 -7.29 6.28 8.90
CA PHE A 67 -6.29 6.03 7.87
C PHE A 67 -6.01 7.35 7.14
N SER A 68 -4.89 7.32 6.40
CA SER A 68 -4.44 8.47 5.61
C SER A 68 -4.90 8.25 4.17
N LEU A 69 -5.76 9.15 3.70
CA LEU A 69 -6.48 8.98 2.46
C LEU A 69 -5.49 9.03 1.30
N GLY A 70 -5.74 8.14 0.32
CA GLY A 70 -4.95 8.10 -0.89
C GLY A 70 -3.50 7.71 -0.66
N LYS A 71 -3.14 7.18 0.54
CA LYS A 71 -1.76 6.85 0.86
C LYS A 71 -1.58 5.32 0.78
N GLY A 72 -2.53 4.64 0.12
CA GLY A 72 -2.56 3.18 -0.01
C GLY A 72 -2.62 2.36 1.29
N GLN A 73 -3.17 2.93 2.38
CA GLN A 73 -3.24 2.19 3.64
C GLN A 73 -4.47 1.26 3.64
N VAL A 74 -5.35 1.44 2.64
CA VAL A 74 -6.57 0.68 2.46
C VAL A 74 -6.65 0.26 0.99
N ILE A 75 -7.67 -0.50 0.67
CA ILE A 75 -7.92 -0.96 -0.69
C ILE A 75 -8.26 0.23 -1.59
N LYS A 76 -7.89 0.09 -2.86
CA LYS A 76 -8.07 1.18 -3.82
C LYS A 76 -9.51 1.71 -3.76
N ALA A 77 -10.48 0.84 -3.52
CA ALA A 77 -11.87 1.26 -3.51
C ALA A 77 -12.17 2.25 -2.41
N TRP A 78 -11.48 2.10 -1.27
CA TRP A 78 -11.66 3.02 -0.16
C TRP A 78 -11.11 4.40 -0.49
N ASP A 79 -9.86 4.44 -0.94
CA ASP A 79 -9.24 5.67 -1.37
C ASP A 79 -10.13 6.43 -2.35
N ILE A 80 -10.63 5.76 -3.40
CA ILE A 80 -11.64 6.30 -4.32
C ILE A 80 -12.93 6.69 -3.59
N GLY A 81 -13.52 5.79 -2.76
CA GLY A 81 -14.89 5.98 -2.34
C GLY A 81 -15.05 7.04 -1.24
N VAL A 82 -14.13 6.97 -0.26
CA VAL A 82 -14.17 7.92 0.83
C VAL A 82 -13.88 9.33 0.31
N ALA A 83 -12.97 9.50 -0.63
CA ALA A 83 -12.69 10.84 -1.12
C ALA A 83 -13.94 11.55 -1.65
N THR A 84 -14.98 10.79 -1.99
CA THR A 84 -16.20 11.39 -2.51
C THR A 84 -17.20 11.74 -1.41
N MET A 85 -16.81 11.64 -0.13
CA MET A 85 -17.75 11.72 0.98
C MET A 85 -17.59 13.04 1.72
N LYS A 86 -18.72 13.60 2.16
CA LYS A 86 -18.76 14.81 2.96
C LYS A 86 -18.81 14.38 4.42
N LYS A 87 -18.45 15.29 5.34
CA LYS A 87 -18.52 15.06 6.79
C LYS A 87 -19.94 14.61 7.16
N GLY A 88 -20.03 13.59 8.01
CA GLY A 88 -21.32 13.15 8.50
C GLY A 88 -22.11 12.35 7.47
N GLU A 89 -21.54 12.13 6.28
CA GLU A 89 -22.22 11.30 5.30
C GLU A 89 -22.12 9.81 5.66
N ILE A 90 -23.17 9.06 5.27
CA ILE A 90 -23.13 7.61 5.23
C ILE A 90 -23.43 7.10 3.82
N ALA A 91 -22.63 6.13 3.35
CA ALA A 91 -22.83 5.54 2.03
C ALA A 91 -22.54 4.04 2.01
N HIS A 92 -22.98 3.42 0.91
CA HIS A 92 -22.81 2.02 0.59
C HIS A 92 -21.89 1.94 -0.64
N LEU A 93 -20.81 1.17 -0.48
CA LEU A 93 -19.94 0.82 -1.58
C LEU A 93 -20.04 -0.66 -1.89
N LEU A 94 -20.23 -0.94 -3.18
CA LEU A 94 -20.03 -2.29 -3.68
C LEU A 94 -18.82 -2.28 -4.61
N ILE A 95 -17.98 -3.33 -4.50
CA ILE A 95 -16.62 -3.30 -5.05
C ILE A 95 -16.27 -4.62 -5.73
N LYS A 96 -15.82 -4.58 -6.99
CA LYS A 96 -15.28 -5.77 -7.64
C LYS A 96 -13.82 -6.01 -7.20
N PRO A 97 -13.30 -7.25 -7.37
CA PRO A 97 -11.98 -7.64 -6.84
C PRO A 97 -10.77 -6.78 -7.23
N GLU A 98 -10.81 -6.26 -8.44
CA GLU A 98 -9.80 -5.37 -8.99
C GLU A 98 -9.65 -4.09 -8.19
N TYR A 99 -10.66 -3.61 -7.45
CA TYR A 99 -10.46 -2.43 -6.61
C TYR A 99 -10.40 -2.87 -5.13
N ALA A 100 -10.20 -4.15 -4.89
CA ALA A 100 -10.05 -4.68 -3.54
C ALA A 100 -8.75 -5.52 -3.47
N TYR A 101 -8.87 -6.85 -3.45
CA TYR A 101 -7.80 -7.82 -3.24
C TYR A 101 -7.58 -8.78 -4.43
N GLY A 102 -8.24 -8.54 -5.58
CA GLY A 102 -7.85 -9.06 -6.89
C GLY A 102 -7.87 -10.58 -7.00
N SER A 103 -7.12 -11.12 -7.95
CA SER A 103 -7.14 -12.56 -8.21
C SER A 103 -6.44 -13.34 -7.11
N ALA A 104 -5.42 -12.72 -6.49
CA ALA A 104 -4.63 -13.35 -5.45
C ALA A 104 -5.39 -13.39 -4.13
N GLY A 105 -6.29 -12.41 -3.95
CA GLY A 105 -6.96 -12.15 -2.68
C GLY A 105 -5.95 -11.87 -1.55
N SER A 106 -6.40 -12.13 -0.30
CA SER A 106 -5.62 -12.05 0.94
C SER A 106 -6.05 -13.22 1.79
N LEU A 107 -5.65 -14.41 1.35
CA LEU A 107 -5.99 -15.58 2.08
C LEU A 107 -5.26 -15.58 3.43
N PRO A 108 -5.89 -16.19 4.46
CA PRO A 108 -7.19 -16.86 4.28
C PRO A 108 -8.41 -15.94 4.44
N LYS A 109 -8.30 -14.67 4.84
CA LYS A 109 -9.47 -13.86 5.16
C LYS A 109 -10.31 -13.57 3.89
N ILE A 110 -9.65 -13.15 2.80
CA ILE A 110 -10.28 -12.80 1.54
C ILE A 110 -9.87 -13.78 0.44
N PRO A 111 -10.81 -14.47 -0.26
CA PRO A 111 -10.47 -15.38 -1.32
C PRO A 111 -10.14 -14.67 -2.62
N SER A 112 -9.57 -15.44 -3.56
CA SER A 112 -9.46 -15.08 -4.97
C SER A 112 -10.77 -14.43 -5.42
N ASN A 113 -10.63 -13.28 -6.06
CA ASN A 113 -11.63 -12.69 -6.95
C ASN A 113 -12.90 -12.34 -6.16
N ALA A 114 -12.77 -11.93 -4.90
CA ALA A 114 -13.91 -11.70 -4.03
C ALA A 114 -14.52 -10.33 -4.28
N THR A 115 -15.87 -10.22 -4.22
CA THR A 115 -16.53 -8.92 -4.19
C THR A 115 -16.82 -8.56 -2.73
N LEU A 116 -16.81 -7.25 -2.40
CA LEU A 116 -17.00 -6.75 -1.03
C LEU A 116 -18.08 -5.69 -1.03
N PHE A 117 -18.77 -5.62 0.10
CA PHE A 117 -19.73 -4.55 0.35
C PHE A 117 -19.29 -3.90 1.65
N PHE A 118 -19.35 -2.56 1.69
CA PHE A 118 -19.16 -1.79 2.92
C PHE A 118 -20.28 -0.76 3.15
N GLU A 119 -20.60 -0.55 4.43
CA GLU A 119 -21.32 0.65 4.84
C GLU A 119 -20.38 1.53 5.64
N ILE A 120 -20.29 2.81 5.24
CA ILE A 120 -19.27 3.73 5.76
C ILE A 120 -19.95 5.04 6.17
N GLU A 121 -19.63 5.51 7.38
CA GLU A 121 -19.98 6.84 7.85
C GLU A 121 -18.70 7.66 7.97
N LEU A 122 -18.67 8.82 7.29
CA LEU A 122 -17.50 9.70 7.40
C LEU A 122 -17.75 10.71 8.51
N LEU A 123 -16.84 10.71 9.49
CA LEU A 123 -16.99 11.46 10.72
C LEU A 123 -16.24 12.78 10.65
N ASP A 124 -14.93 12.68 10.38
CA ASP A 124 -14.08 13.86 10.33
C ASP A 124 -12.82 13.52 9.53
N PHE A 125 -12.25 14.57 8.95
CA PHE A 125 -10.92 14.54 8.38
C PHE A 125 -10.29 15.91 8.65
N LYS A 126 -9.09 15.88 9.24
CA LYS A 126 -8.24 17.05 9.36
C LYS A 126 -7.18 16.93 8.26
N GLY A 127 -6.42 18.00 8.04
CA GLY A 127 -5.19 17.90 7.29
C GLY A 127 -4.17 17.10 8.10
N GLU A 128 -3.21 16.49 7.39
CA GLU A 128 -2.00 15.99 8.04
C GLU A 128 -1.23 17.16 8.68
N ALA B 2 18.89 -15.82 -4.63
CA ALA B 2 19.30 -14.61 -3.87
C ALA B 2 18.30 -14.33 -2.75
N PRO B 3 16.97 -14.34 -3.00
CA PRO B 3 15.98 -14.18 -1.92
C PRO B 3 16.17 -15.11 -0.71
N ALA B 4 16.38 -16.41 -1.00
CA ALA B 4 16.64 -17.43 0.00
C ALA B 4 17.86 -17.09 0.84
N THR B 5 18.97 -16.72 0.18
CA THR B 5 20.22 -16.38 0.85
C THR B 5 19.92 -15.28 1.88
N VAL B 6 19.05 -14.31 1.56
CA VAL B 6 18.82 -13.16 2.44
C VAL B 6 18.04 -13.57 3.69
N THR B 7 16.99 -14.40 3.51
CA THR B 7 16.21 -15.07 4.56
C THR B 7 17.08 -15.72 5.63
N GLU B 8 18.21 -16.30 5.20
CA GLU B 8 18.99 -17.23 6.01
C GLU B 8 20.21 -16.48 6.53
N GLN B 9 20.84 -15.72 5.63
CA GLN B 9 22.07 -14.99 5.89
C GLN B 9 21.77 -13.48 6.07
N GLY B 10 20.52 -13.15 6.41
CA GLY B 10 20.15 -11.74 6.53
C GLY B 10 20.43 -11.16 7.91
N GLU B 11 20.96 -9.94 7.94
CA GLU B 11 20.97 -9.15 9.15
C GLU B 11 19.57 -8.51 9.30
N ASP B 12 18.94 -8.66 10.45
CA ASP B 12 17.70 -7.98 10.78
C ASP B 12 17.99 -6.55 11.17
N ILE B 13 17.63 -5.63 10.28
CA ILE B 13 17.97 -4.24 10.50
C ILE B 13 16.77 -3.44 10.98
N THR B 14 15.67 -4.10 11.37
CA THR B 14 14.53 -3.38 11.98
C THR B 14 14.83 -3.06 13.44
N SER B 15 14.13 -2.03 13.95
CA SER B 15 14.32 -1.54 15.28
C SER B 15 13.60 -2.44 16.27
N LYS B 16 12.48 -2.98 15.81
CA LYS B 16 11.64 -3.88 16.62
C LYS B 16 12.21 -5.30 16.61
N LYS B 17 13.18 -5.62 15.75
CA LYS B 17 13.67 -6.98 15.59
C LYS B 17 12.53 -7.94 15.21
N ASP B 18 11.70 -7.50 14.24
CA ASP B 18 10.52 -8.19 13.68
C ASP B 18 10.95 -8.93 12.40
N ARG B 19 12.26 -8.98 12.12
CA ARG B 19 12.79 -9.64 10.94
C ARG B 19 12.11 -9.26 9.63
N GLY B 20 11.42 -8.13 9.55
CA GLY B 20 10.68 -7.81 8.35
C GLY B 20 11.49 -7.05 7.31
N VAL B 21 12.73 -6.66 7.66
CA VAL B 21 13.71 -6.15 6.71
C VAL B 21 14.99 -6.91 7.06
N LEU B 22 15.38 -7.85 6.17
CA LEU B 22 16.64 -8.56 6.27
C LEU B 22 17.57 -8.08 5.14
N LYS B 23 18.88 -7.95 5.48
CA LYS B 23 19.89 -7.39 4.59
C LYS B 23 21.17 -8.23 4.49
N ILE B 24 21.71 -8.33 3.28
CA ILE B 24 23.09 -8.72 3.03
C ILE B 24 23.75 -7.66 2.17
N VAL B 25 25.00 -7.36 2.54
CA VAL B 25 25.91 -6.55 1.76
C VAL B 25 26.53 -7.51 0.74
N LYS B 26 26.48 -7.12 -0.53
CA LYS B 26 26.95 -7.93 -1.63
C LYS B 26 28.24 -7.34 -2.19
N ARG B 27 28.29 -5.99 -2.32
CA ARG B 27 29.52 -5.25 -2.58
C ARG B 27 29.64 -4.11 -1.57
N VAL B 28 30.80 -4.04 -0.89
CA VAL B 28 31.06 -3.06 0.15
C VAL B 28 31.26 -1.68 -0.48
N GLY B 29 30.77 -0.62 0.20
CA GLY B 29 31.04 0.76 -0.22
C GLY B 29 32.32 1.34 0.41
N ASN B 30 32.45 2.68 0.36
CA ASN B 30 33.65 3.36 0.84
C ASN B 30 33.31 4.37 1.95
N GLY B 31 34.28 4.65 2.81
CA GLY B 31 34.13 5.63 3.88
C GLY B 31 33.32 5.03 5.02
N GLU B 32 33.14 5.83 6.07
CA GLU B 32 32.36 5.42 7.22
C GLU B 32 30.92 5.95 7.11
N GLU B 33 30.71 7.00 6.29
CA GLU B 33 29.48 7.79 6.33
C GLU B 33 28.37 7.08 5.57
N THR B 34 27.22 6.92 6.27
CA THR B 34 25.93 6.59 5.67
C THR B 34 24.99 7.78 5.83
N PRO B 35 23.96 7.93 4.96
CA PRO B 35 23.20 9.18 4.91
C PRO B 35 22.16 9.37 6.01
N MET B 36 21.80 10.63 6.22
CA MET B 36 20.93 11.05 7.32
C MET B 36 19.55 11.34 6.76
N ILE B 37 18.53 11.25 7.62
CA ILE B 37 17.17 11.56 7.19
C ILE B 37 17.24 12.90 6.46
N GLY B 38 16.52 13.04 5.33
CA GLY B 38 16.50 14.31 4.62
C GLY B 38 17.38 14.33 3.36
N ASP B 39 18.46 13.52 3.33
CA ASP B 39 19.38 13.49 2.19
C ASP B 39 18.65 13.15 0.88
N LYS B 40 19.10 13.72 -0.24
CA LYS B 40 18.68 13.33 -1.59
C LYS B 40 19.56 12.15 -1.98
N VAL B 41 18.92 11.00 -2.27
CA VAL B 41 19.66 9.75 -2.48
C VAL B 41 19.51 9.25 -3.92
N TYR B 42 20.63 8.76 -4.50
CA TYR B 42 20.72 8.32 -5.88
C TYR B 42 21.07 6.83 -5.95
N VAL B 43 20.15 5.99 -6.46
CA VAL B 43 20.40 4.56 -6.51
C VAL B 43 20.07 3.94 -7.87
N HIS B 44 20.71 2.79 -8.11
CA HIS B 44 20.22 1.79 -9.04
C HIS B 44 19.69 0.59 -8.26
N TYR B 45 18.61 -0.01 -8.77
CA TYR B 45 17.99 -1.15 -8.10
C TYR B 45 17.38 -2.11 -9.12
N LYS B 46 17.28 -3.38 -8.72
CA LYS B 46 16.39 -4.33 -9.37
C LYS B 46 15.52 -4.91 -8.26
N GLY B 47 14.24 -5.20 -8.56
CA GLY B 47 13.23 -5.61 -7.59
C GLY B 47 12.29 -6.64 -8.18
N LYS B 48 11.79 -7.52 -7.30
CA LYS B 48 10.92 -8.65 -7.66
C LYS B 48 9.98 -8.87 -6.48
N LEU B 49 8.71 -9.20 -6.73
CA LEU B 49 7.90 -9.97 -5.78
C LEU B 49 8.61 -11.30 -5.53
N SER B 50 8.55 -11.88 -4.32
CA SER B 50 9.19 -13.17 -4.07
C SER B 50 8.62 -14.27 -4.94
N ASN B 51 7.29 -14.21 -5.19
CA ASN B 51 6.54 -15.05 -6.15
C ASN B 51 7.22 -15.15 -7.52
N GLY B 52 8.04 -14.15 -7.88
CA GLY B 52 8.65 -14.04 -9.19
C GLY B 52 7.62 -13.73 -10.28
N LYS B 53 6.47 -13.11 -9.94
CA LYS B 53 5.43 -12.91 -10.95
C LYS B 53 5.54 -11.49 -11.53
N LYS B 54 6.30 -10.57 -10.87
CA LYS B 54 6.61 -9.23 -11.40
C LYS B 54 8.06 -8.85 -11.07
N PHE B 55 8.69 -8.15 -12.01
CA PHE B 55 10.07 -7.70 -11.94
C PHE B 55 10.15 -6.20 -12.25
N ASP B 56 11.11 -5.47 -11.68
CA ASP B 56 11.16 -4.02 -11.89
C ASP B 56 12.56 -3.47 -11.66
N SER B 57 12.93 -2.42 -12.41
CA SER B 57 14.31 -1.97 -12.42
C SER B 57 14.39 -0.52 -12.89
N SER B 58 15.25 0.23 -12.20
CA SER B 58 15.62 1.59 -12.57
C SER B 58 16.01 1.69 -14.04
N HIS B 59 16.68 0.65 -14.57
CA HIS B 59 17.28 0.64 -15.90
C HIS B 59 16.25 0.69 -17.03
N ASP B 60 15.14 -0.07 -16.88
CA ASP B 60 13.92 0.12 -17.66
C ASP B 60 13.69 1.61 -17.98
N ARG B 61 13.75 2.47 -16.96
CA ARG B 61 13.55 3.91 -17.13
C ARG B 61 14.79 4.56 -17.75
N ASN B 62 15.94 3.85 -17.73
CA ASN B 62 17.17 4.28 -18.37
C ASN B 62 17.76 5.50 -17.65
N GLU B 63 17.80 5.46 -16.30
CA GLU B 63 18.17 6.62 -15.48
C GLU B 63 18.26 6.23 -14.00
N PRO B 64 19.11 6.88 -13.18
CA PRO B 64 19.24 6.54 -11.76
C PRO B 64 18.06 7.08 -10.95
N PHE B 65 17.61 6.31 -9.94
CA PHE B 65 16.39 6.58 -9.19
C PHE B 65 16.72 7.39 -7.93
N VAL B 66 15.93 8.46 -7.73
CA VAL B 66 16.25 9.52 -6.79
C VAL B 66 15.08 9.75 -5.84
N PHE B 67 15.36 9.81 -4.54
CA PHE B 67 14.34 10.05 -3.53
C PHE B 67 14.98 10.66 -2.27
N SER B 68 14.14 11.23 -1.41
CA SER B 68 14.52 11.94 -0.19
C SER B 68 14.40 10.99 0.98
N LEU B 69 15.53 10.71 1.64
CA LEU B 69 15.58 9.64 2.61
C LEU B 69 14.70 9.97 3.81
N GLY B 70 13.99 8.94 4.29
CA GLY B 70 13.12 9.04 5.45
C GLY B 70 11.96 10.04 5.29
N LYS B 71 11.61 10.39 4.05
CA LYS B 71 10.57 11.37 3.82
C LYS B 71 9.32 10.66 3.32
N GLY B 72 9.30 9.32 3.48
CA GLY B 72 8.16 8.47 3.12
C GLY B 72 7.81 8.43 1.62
N GLN B 73 8.73 8.75 0.71
CA GLN B 73 8.41 8.75 -0.70
C GLN B 73 8.63 7.36 -1.32
N VAL B 74 9.09 6.42 -0.49
CA VAL B 74 9.39 5.06 -0.87
C VAL B 74 8.83 4.17 0.22
N ILE B 75 9.01 2.85 0.14
CA ILE B 75 8.47 2.00 1.19
C ILE B 75 9.37 2.14 2.41
N LYS B 76 8.77 1.97 3.58
CA LYS B 76 9.43 1.93 4.88
C LYS B 76 10.79 1.23 4.78
N ALA B 77 10.81 0.06 4.16
CA ALA B 77 11.97 -0.79 4.12
C ALA B 77 13.15 -0.15 3.40
N TRP B 78 12.88 0.69 2.42
CA TRP B 78 13.94 1.44 1.77
C TRP B 78 14.50 2.51 2.68
N ASP B 79 13.64 3.40 3.17
CA ASP B 79 14.04 4.36 4.19
C ASP B 79 14.94 3.73 5.25
N ILE B 80 14.57 2.60 5.82
CA ILE B 80 15.39 1.90 6.81
C ILE B 80 16.63 1.31 6.14
N GLY B 81 16.50 0.67 4.96
CA GLY B 81 17.61 -0.12 4.43
C GLY B 81 18.73 0.73 3.85
N VAL B 82 18.35 1.74 3.09
CA VAL B 82 19.31 2.62 2.47
C VAL B 82 20.08 3.37 3.55
N ALA B 83 19.40 3.78 4.63
CA ALA B 83 20.08 4.55 5.65
C ALA B 83 21.30 3.81 6.19
N THR B 84 21.38 2.49 6.00
CA THR B 84 22.49 1.70 6.52
C THR B 84 23.58 1.46 5.49
N MET B 85 23.52 2.08 4.30
CA MET B 85 24.41 1.76 3.21
C MET B 85 25.48 2.85 2.99
N LYS B 86 26.68 2.41 2.60
CA LYS B 86 27.84 3.27 2.32
C LYS B 86 27.80 3.61 0.82
N LYS B 87 28.46 4.70 0.40
CA LYS B 87 28.66 5.02 -1.01
C LYS B 87 29.25 3.84 -1.78
N GLY B 88 28.71 3.57 -2.96
CA GLY B 88 29.22 2.47 -3.76
C GLY B 88 28.84 1.08 -3.25
N GLU B 89 28.11 0.99 -2.15
CA GLU B 89 27.66 -0.31 -1.65
C GLU B 89 26.52 -0.86 -2.52
N ILE B 90 26.55 -2.20 -2.63
CA ILE B 90 25.41 -2.94 -3.11
C ILE B 90 24.94 -3.92 -2.05
N ALA B 91 23.62 -3.90 -1.81
CA ALA B 91 23.00 -4.83 -0.85
C ALA B 91 21.69 -5.43 -1.37
N HIS B 92 21.29 -6.51 -0.69
CA HIS B 92 20.14 -7.31 -0.93
C HIS B 92 19.23 -7.17 0.29
N LEU B 93 18.00 -6.74 0.00
CA LEU B 93 16.96 -6.59 1.01
C LEU B 93 15.85 -7.58 0.72
N LEU B 94 15.50 -8.35 1.74
CA LEU B 94 14.24 -9.09 1.72
C LEU B 94 13.31 -8.48 2.78
N ILE B 95 12.07 -8.22 2.33
CA ILE B 95 11.15 -7.36 3.03
C ILE B 95 9.82 -8.04 3.22
N LYS B 96 9.30 -8.04 4.46
CA LYS B 96 7.97 -8.57 4.74
C LYS B 96 6.99 -7.45 4.46
N PRO B 97 5.68 -7.76 4.20
CA PRO B 97 4.69 -6.78 3.74
C PRO B 97 4.48 -5.57 4.62
N GLU B 98 4.65 -5.75 5.94
CA GLU B 98 4.54 -4.64 6.90
C GLU B 98 5.55 -3.53 6.66
N TYR B 99 6.68 -3.78 5.98
CA TYR B 99 7.63 -2.70 5.68
C TYR B 99 7.58 -2.42 4.16
N ALA B 100 6.51 -2.88 3.51
CA ALA B 100 6.31 -2.69 2.08
C ALA B 100 4.89 -2.19 1.87
N TYR B 101 3.96 -2.99 1.28
CA TYR B 101 2.61 -2.51 0.93
C TYR B 101 1.45 -3.17 1.72
N GLY B 102 1.80 -3.98 2.72
CA GLY B 102 0.91 -4.35 3.80
C GLY B 102 -0.22 -5.24 3.30
N SER B 103 -1.24 -5.44 4.15
CA SER B 103 -2.33 -6.33 3.79
C SER B 103 -3.18 -5.77 2.63
N ALA B 104 -3.19 -4.45 2.46
CA ALA B 104 -3.94 -3.76 1.43
C ALA B 104 -3.34 -3.94 0.05
N GLY B 105 -1.98 -4.05 0.00
CA GLY B 105 -1.26 -4.30 -1.25
C GLY B 105 -1.25 -3.04 -2.10
N SER B 106 -1.03 -3.17 -3.41
CA SER B 106 -1.02 -2.00 -4.28
C SER B 106 -1.35 -2.45 -5.69
N LEU B 107 -2.60 -2.89 -5.85
CA LEU B 107 -3.05 -3.43 -7.10
C LEU B 107 -3.06 -2.32 -8.15
N PRO B 108 -2.80 -2.69 -9.42
CA PRO B 108 -2.56 -4.09 -9.79
C PRO B 108 -1.15 -4.62 -9.58
N LYS B 109 -0.16 -3.77 -9.25
CA LYS B 109 1.23 -4.19 -9.36
C LYS B 109 1.53 -5.16 -8.22
N ILE B 110 1.06 -4.85 -7.03
CA ILE B 110 1.44 -5.56 -5.81
C ILE B 110 0.21 -6.21 -5.16
N PRO B 111 0.24 -7.53 -4.89
CA PRO B 111 -0.88 -8.22 -4.24
C PRO B 111 -0.88 -8.01 -2.74
N SER B 112 -1.89 -8.48 -2.06
CA SER B 112 -2.00 -8.33 -0.63
C SER B 112 -0.83 -9.09 0.01
N ASN B 113 -0.30 -8.56 1.09
CA ASN B 113 0.66 -9.31 1.89
C ASN B 113 1.90 -9.76 1.10
N ALA B 114 2.36 -8.96 0.13
CA ALA B 114 3.46 -9.42 -0.73
C ALA B 114 4.81 -9.29 -0.02
N THR B 115 5.69 -10.29 -0.21
CA THR B 115 7.10 -10.17 0.11
C THR B 115 7.85 -9.69 -1.12
N LEU B 116 8.81 -8.76 -0.94
CA LEU B 116 9.61 -8.17 -2.00
C LEU B 116 11.09 -8.41 -1.72
N PHE B 117 11.84 -8.63 -2.79
CA PHE B 117 13.28 -8.65 -2.81
C PHE B 117 13.72 -7.47 -3.66
N PHE B 118 14.78 -6.79 -3.21
CA PHE B 118 15.49 -5.78 -4.02
C PHE B 118 17.01 -6.00 -3.96
N GLU B 119 17.67 -5.64 -5.06
CA GLU B 119 19.09 -5.40 -5.09
C GLU B 119 19.26 -3.92 -5.37
N ILE B 120 20.00 -3.27 -4.45
CA ILE B 120 20.18 -1.83 -4.44
C ILE B 120 21.68 -1.52 -4.43
N GLU B 121 22.10 -0.67 -5.38
CA GLU B 121 23.42 -0.03 -5.32
C GLU B 121 23.24 1.44 -4.91
N LEU B 122 23.91 1.83 -3.83
CA LEU B 122 23.96 3.24 -3.48
C LEU B 122 25.12 3.91 -4.20
N LEU B 123 24.75 4.93 -4.99
CA LEU B 123 25.65 5.69 -5.82
C LEU B 123 26.11 6.94 -5.08
N ASP B 124 25.13 7.75 -4.64
CA ASP B 124 25.48 9.05 -4.07
C ASP B 124 24.32 9.60 -3.24
N PHE B 125 24.67 10.45 -2.27
CA PHE B 125 23.75 11.30 -1.54
C PHE B 125 24.42 12.65 -1.22
CAU A1I5X C . -14.13 -6.34 4.81
CAV A1I5X C . -14.81 -7.61 4.24
CAW A1I5X C . -14.97 -8.68 5.25
CAX A1I5X C . -13.52 -9.11 5.74
CAY A1I5X C . -12.76 -7.92 6.26
CAL A1I5X C . -12.69 -6.82 5.30
CAK A1I5X C . -11.90 -5.63 5.87
CAM A1I5X C . -11.41 -4.77 4.87
OAO A1I5X C . -11.16 -5.20 3.71
N A1I5X C . -11.08 -3.46 5.15
CAT A1I5X C . -11.08 -2.84 6.43
CAS A1I5X C . -11.75 -1.55 6.27
CAR A1I5X C . -10.93 -0.66 5.38
CB A1I5X C . -10.90 -1.15 4.01
CA A1I5X C . -10.44 -2.63 4.03
C A1I5X C . -8.93 -2.70 4.04
O A1I5X C . -8.22 -1.97 3.33
OBA A1I5X C . -8.35 -3.57 4.87
CBC A1I5X C . -6.99 -3.28 5.06
CBD A1I5X C . -6.15 -4.19 6.04
OBE A1I5X C . -6.73 -4.22 7.22
CBG A1I5X C . -6.05 -5.07 8.36
CBF A1I5X C . -5.92 -6.60 8.11
OAI A1I5X C . -7.25 -7.31 8.44
CAC A1I5X C . -8.42 -6.84 7.84
CAB A1I5X C . -9.34 -6.05 8.56
OAG A1I5X C . -9.06 -5.73 9.90
CAJ A1I5X C . -9.94 -6.26 10.89
CAA A1I5X C . -10.54 -5.67 7.93
CAF A1I5X C . -10.74 -6.05 6.58
CAE A1I5X C . -9.77 -6.81 5.88
CAD A1I5X C . -8.62 -7.21 6.53
OAH A1I5X C . -7.62 -7.93 6.01
CBH A1I5X C . -7.78 -8.60 4.76
HAU A1I5X C . -14.53 -5.94 5.70
HB6 A1I5X C . -13.84 -5.67 4.08
HAV A1I5X C . -14.21 -8.00 3.42
HB7 A1I5X C . -15.79 -7.35 3.86
HAW A1I5X C . -15.50 -9.53 4.81
HB8 A1I5X C . -15.56 -8.31 6.09
HAX A1I5X C . -12.97 -9.53 4.90
HB9 A1I5X C . -13.60 -9.85 6.52
HCA A1I5X C . -13.19 -7.45 7.08
HAY A1I5X C . -11.76 -8.17 6.37
HAN A1I5X C . -12.17 -7.21 4.43
HAM A1I5X C . -12.56 -5.09 6.54
HB5 A1I5X C . -11.64 -3.40 7.16
HAT A1I5X C . -10.06 -2.69 6.78
HB4 A1I5X C . -12.64 -1.61 5.72
HAS A1I5X C . -11.84 -1.00 7.17
HB3 A1I5X C . -11.32 0.28 5.26
HAR A1I5X C . -9.91 -0.66 5.60
HB1 A1I5X C . -10.20 -0.67 3.41
HB2 A1I5X C . -11.84 -1.26 3.56
HA A1I5X C . -10.75 -3.05 3.07
HBC A1I5X C . -6.91 -2.26 5.44
HCB A1I5X C . -6.49 -3.34 4.09
HBD A1I5X C . -5.16 -3.77 6.15
HCC A1I5X C . -6.08 -5.20 5.63
HBG A1I5X C . -6.64 -4.93 9.25
HCE A1I5X C . -5.06 -4.67 8.54
HBF A1I5X C . -5.46 -7.17 8.88
HCD A1I5X C . -5.83 -6.95 7.11
HAL A1I5X C . -9.53 -6.08 11.88
HAJ A1I5X C . -10.06 -7.33 10.74
HAK A1I5X C . -10.92 -5.78 10.81
HAA A1I5X C . -11.25 -5.07 8.45
HAE A1I5X C . -9.93 -7.10 4.85
HCG A1I5X C . -6.91 -9.22 4.57
HBH A1I5X C . -7.87 -7.85 3.97
HCF A1I5X C . -8.67 -9.21 4.79
CAU A1I5X D . 9.23 -3.68 -6.79
CAV A1I5X D . 8.84 -5.18 -6.82
CAW A1I5X D . 8.36 -5.55 -8.18
CAX A1I5X D . 7.12 -4.69 -8.53
CAY A1I5X D . 7.47 -3.22 -8.58
CAL A1I5X D . 8.02 -2.77 -7.18
CAK A1I5X D . 8.44 -1.23 -7.14
CAM A1I5X D . 8.64 -0.82 -5.88
OAO A1I5X D . 7.90 -1.35 -5.05
N A1I5X D . 9.46 0.19 -5.46
CAT A1I5X D . 10.34 0.88 -6.47
CAS A1I5X D . 11.54 1.73 -6.11
CAR A1I5X D . 11.30 2.33 -4.77
CB A1I5X D . 11.09 1.16 -3.83
CA A1I5X D . 9.58 0.65 -4.02
C A1I5X D . 8.75 1.69 -3.75
O A1I5X D . 8.62 2.08 -2.63
OBA A1I5X D . 8.13 2.35 -4.80
CBC A1I5X D . 7.47 3.56 -4.40
CBD A1I5X D . 6.05 3.57 -4.87
OBE A1I5X D . 5.95 3.18 -6.23
CBG A1I5X D . 5.81 4.08 -7.46
CBF A1I5X D . 4.66 3.54 -8.41
OAI A1I5X D . 4.98 2.44 -9.48
CAC A1I5X D . 5.77 1.45 -8.87
CAB A1I5X D . 7.00 1.25 -9.38
OAG A1I5X D . 7.28 2.01 -10.49
CAJ A1I5X D . 8.64 2.16 -10.89
CAA A1I5X D . 7.86 0.36 -8.79
CAF A1I5X D . 7.51 -0.33 -7.66
CAE A1I5X D . 6.21 -0.13 -7.11
CAD A1I5X D . 5.35 0.76 -7.76
OAH A1I5X D . 4.10 1.08 -7.34
CBH A1I5X D . 3.43 0.14 -6.49
HAU A1I5X D . 9.93 -3.39 -7.49
HB6 A1I5X D . 9.40 -3.34 -5.82
HAV A1I5X D . 8.05 -5.37 -6.10
HB7 A1I5X D . 9.71 -5.78 -6.57
HAW A1I5X D . 8.08 -6.60 -8.20
HB8 A1I5X D . 9.14 -5.36 -8.91
HAX A1I5X D . 6.35 -4.86 -7.79
HB9 A1I5X D . 6.75 -4.99 -9.52
HCA A1I5X D . 8.30 -3.02 -9.16
HAY A1I5X D . 6.68 -2.58 -8.80
HAN A1I5X D . 7.23 -2.94 -6.46
HAM A1I5X D . 9.36 -1.16 -7.71
HB5 A1I5X D . 10.74 0.13 -7.14
HAT A1I5X D . 9.69 1.53 -7.06
HB4 A1I5X D . 12.43 1.20 -5.96
HAS A1I5X D . 11.63 2.60 -6.67
HB3 A1I5X D . 12.15 2.76 -4.34
HAR A1I5X D . 10.44 2.90 -4.66
HB1 A1I5X D . 11.11 1.42 -2.83
HB2 A1I5X D . 11.62 0.29 -4.06
HA A1I5X D . 9.39 -0.18 -3.34
HBC A1I5X D . 7.98 4.38 -4.90
HCB A1I5X D . 7.48 3.75 -3.33
HBD A1I5X D . 5.65 4.57 -4.75
HCC A1I5X D . 5.48 2.87 -4.25
HBG A1I5X D . 6.76 4.10 -8.00
HCE A1I5X D . 5.56 5.08 -7.12
HBF A1I5X D . 3.92 4.22 -8.57
HCD A1I5X D . 4.18 2.87 -7.86
HAL A1I5X D . 8.69 2.95 -11.66
HAJ A1I5X D . 9.00 1.23 -11.31
HAK A1I5X D . 9.25 2.45 -10.04
HAA A1I5X D . 8.85 0.21 -9.22
HAE A1I5X D . 5.87 -0.68 -6.24
HCG A1I5X D . 2.37 0.40 -6.45
HBH A1I5X D . 3.84 0.19 -5.48
HCF A1I5X D . 3.54 -0.87 -6.89
#